data_8Q2T
#
_entry.id   8Q2T
#
_cell.length_a   40.190
_cell.length_b   103.700
_cell.length_c   42.220
_cell.angle_alpha   90.000
_cell.angle_beta   105.290
_cell.angle_gamma   90.000
#
_symmetry.space_group_name_H-M   'P 1 21 1'
#
loop_
_entity.id
_entity.type
_entity.pdbx_description
1 polymer 'YTH domain-containing protein 1'
2 non-polymer 2-chloranyl-~{N}-methyl-9-(phenylmethyl)purin-6-amine
3 non-polymer 'SULFATE ION'
4 water water
#
_entity_poly.entity_id   1
_entity_poly.type   'polypeptide(L)'
_entity_poly.pdbx_seq_one_letter_code
;GTSKLKYVLQDARFFLIKSNNHENVSLAKAKGVWSTLPVNEKKLNLAFRSARSVILIFSVRESGKFQGFARLSSESHHGG
SPIHWVLPAGMSAKMLGGVFKIDWICRRELPFTKSAHLTNPWNEHKPVKIGRDGQEIELECGTQLCLLFPPDESIDLYQV
IHKMRH
;
_entity_poly.pdbx_strand_id   A,B
#
loop_
_chem_comp.id
_chem_comp.type
_chem_comp.name
_chem_comp.formula
IUA non-polymer 2-chloranyl-~{N}-methyl-9-(phenylmethyl)purin-6-amine 'C13 H12 Cl N5'
SO4 non-polymer 'SULFATE ION' 'O4 S -2'
#
# COMPACT_ATOMS: atom_id res chain seq x y z
N GLY A 1 6.33 3.25 1.14
CA GLY A 1 5.88 4.04 2.27
C GLY A 1 4.94 3.26 3.17
N THR A 2 4.45 3.93 4.22
CA THR A 2 3.59 3.30 5.21
C THR A 2 2.19 3.89 5.29
N SER A 3 1.83 4.83 4.42
CA SER A 3 0.54 5.51 4.59
C SER A 3 -0.63 4.58 4.30
N LYS A 4 -0.57 3.80 3.22
CA LYS A 4 -1.67 2.89 2.94
C LYS A 4 -1.78 1.81 4.02
N LEU A 5 -0.63 1.34 4.54
CA LEU A 5 -0.65 0.39 5.65
C LEU A 5 -1.36 0.98 6.86
N LYS A 6 -1.03 2.21 7.24
CA LYS A 6 -1.72 2.84 8.37
C LYS A 6 -3.21 2.96 8.12
N TYR A 7 -3.61 3.25 6.88
CA TYR A 7 -5.03 3.33 6.54
C TYR A 7 -5.72 1.99 6.71
N VAL A 8 -5.05 0.91 6.32
CA VAL A 8 -5.66 -0.42 6.46
C VAL A 8 -5.84 -0.77 7.93
N LEU A 9 -4.85 -0.43 8.78
CA LEU A 9 -4.90 -0.73 10.21
C LEU A 9 -5.78 0.21 10.99
N GLN A 10 -6.31 1.26 10.36
CA GLN A 10 -7.16 2.22 11.03
C GLN A 10 -8.37 1.51 11.61
N ASP A 11 -8.54 1.60 12.93
CA ASP A 11 -9.68 1.04 13.64
C ASP A 11 -9.82 -0.47 13.42
N ALA A 12 -8.73 -1.16 13.09
CA ALA A 12 -8.76 -2.60 12.87
C ALA A 12 -8.86 -3.35 14.21
N ARG A 13 -9.28 -4.60 14.12
CA ARG A 13 -9.11 -5.54 15.23
C ARG A 13 -7.98 -6.53 14.92
N PHE A 14 -7.30 -7.00 15.96
CA PHE A 14 -6.11 -7.82 15.81
C PHE A 14 -6.27 -9.08 16.65
N PHE A 15 -5.86 -10.22 16.13
CA PHE A 15 -5.87 -11.51 16.81
C PHE A 15 -4.56 -12.24 16.59
N LEU A 16 -4.01 -12.80 17.66
CA LEU A 16 -2.82 -13.64 17.60
C LEU A 16 -3.20 -15.04 17.17
N ILE A 17 -2.52 -15.56 16.16
CA ILE A 17 -2.70 -16.93 15.67
C ILE A 17 -1.44 -17.69 16.04
N LYS A 18 -1.58 -18.78 16.77
CA LYS A 18 -0.45 -19.63 17.15
C LYS A 18 -0.59 -20.95 16.40
N SER A 19 0.30 -21.17 15.44
CA SER A 19 0.32 -22.42 14.70
C SER A 19 1.36 -23.35 15.33
N ASN A 20 1.04 -24.65 15.35
CA ASN A 20 1.97 -25.63 15.88
C ASN A 20 3.12 -25.95 14.93
N ASN A 21 2.99 -25.67 13.64
CA ASN A 21 4.06 -25.98 12.69
C ASN A 21 4.15 -24.94 11.59
N HIS A 22 5.31 -24.93 10.92
CA HIS A 22 5.55 -23.99 9.83
C HIS A 22 4.80 -24.38 8.57
N GLU A 23 4.56 -25.67 8.36
CA GLU A 23 3.95 -26.12 7.11
C GLU A 23 2.60 -25.46 6.90
N ASN A 24 1.81 -25.34 7.97
CA ASN A 24 0.49 -24.74 7.81
C ASN A 24 0.58 -23.24 7.49
N VAL A 25 1.56 -22.54 8.09
CA VAL A 25 1.69 -21.12 7.77
C VAL A 25 2.19 -20.93 6.34
N SER A 26 3.09 -21.81 5.89
CA SER A 26 3.52 -21.77 4.50
C SER A 26 2.36 -22.02 3.57
N LEU A 27 1.50 -22.98 3.91
CA LEU A 27 0.33 -23.26 3.09
C LEU A 27 -0.62 -22.06 3.08
N ALA A 28 -0.80 -21.41 4.24
CA ALA A 28 -1.66 -20.22 4.29
C ALA A 28 -1.10 -19.09 3.43
N LYS A 29 0.22 -18.91 3.41
CA LYS A 29 0.81 -17.87 2.58
C LYS A 29 0.66 -18.16 1.09
N ALA A 30 0.71 -19.44 0.70
CA ALA A 30 0.59 -19.81 -0.70
C ALA A 30 -0.84 -19.70 -1.21
N LYS A 31 -1.81 -20.09 -0.37
CA LYS A 31 -3.19 -20.26 -0.79
C LYS A 31 -4.14 -19.20 -0.24
N GLY A 32 -3.71 -18.39 0.73
CA GLY A 32 -4.54 -17.29 1.18
C GLY A 32 -5.72 -17.76 2.00
N VAL A 33 -5.49 -18.74 2.88
CA VAL A 33 -6.54 -19.35 3.71
C VAL A 33 -5.99 -19.62 5.10
N TRP A 34 -6.89 -19.64 6.09
CA TRP A 34 -6.54 -20.09 7.42
C TRP A 34 -7.72 -20.83 8.03
N SER A 35 -7.40 -21.76 8.93
CA SER A 35 -8.40 -22.49 9.71
C SER A 35 -7.94 -22.59 11.15
N THR A 36 -8.89 -22.47 12.09
CA THR A 36 -8.61 -22.53 13.52
C THR A 36 -9.67 -23.38 14.19
N LEU A 37 -9.51 -23.58 15.49
CA LEU A 37 -10.45 -24.37 16.29
C LEU A 37 -11.81 -23.68 16.35
N PRO A 38 -12.88 -24.45 16.62
CA PRO A 38 -14.23 -23.86 16.60
C PRO A 38 -14.43 -22.66 17.52
N VAL A 39 -13.80 -22.65 18.70
CA VAL A 39 -13.95 -21.51 19.61
C VAL A 39 -13.42 -20.22 18.98
N ASN A 40 -12.26 -20.29 18.31
CA ASN A 40 -11.71 -19.10 17.70
C ASN A 40 -12.40 -18.77 16.39
N GLU A 41 -12.88 -19.79 15.69
CA GLU A 41 -13.63 -19.57 14.47
C GLU A 41 -14.87 -18.69 14.73
N LYS A 42 -15.58 -18.95 15.81
CA LYS A 42 -16.76 -18.14 16.10
C LYS A 42 -16.39 -16.69 16.42
N LYS A 43 -15.28 -16.49 17.16
CA LYS A 43 -14.85 -15.13 17.49
C LYS A 43 -14.44 -14.34 16.24
N LEU A 44 -13.75 -15.00 15.31
CA LEU A 44 -13.32 -14.30 14.10
C LEU A 44 -14.49 -13.93 13.21
N ASN A 45 -15.52 -14.77 13.13
CA ASN A 45 -16.68 -14.44 12.32
C ASN A 45 -17.42 -13.22 12.89
N LEU A 46 -17.57 -13.17 14.22
CA LEU A 46 -18.16 -11.99 14.87
C LEU A 46 -17.34 -10.73 14.59
N ALA A 47 -16.01 -10.85 14.69
CA ALA A 47 -15.18 -9.67 14.52
C ALA A 47 -15.22 -9.19 13.07
N PHE A 48 -15.32 -10.11 12.12
CA PHE A 48 -15.32 -9.72 10.70
C PHE A 48 -16.49 -8.79 10.40
N ARG A 49 -17.64 -9.01 11.03
CA ARG A 49 -18.80 -8.16 10.82
C ARG A 49 -18.66 -6.81 11.54
N SER A 50 -17.81 -6.73 12.56
CA SER A 50 -17.77 -5.60 13.49
C SER A 50 -16.73 -4.55 13.13
N ALA A 51 -15.78 -4.84 12.25
CA ALA A 51 -14.63 -3.97 12.07
C ALA A 51 -14.32 -3.86 10.58
N ARG A 52 -13.78 -2.71 10.20
CA ARG A 52 -13.44 -2.52 8.79
C ARG A 52 -12.28 -3.43 8.36
N SER A 53 -11.40 -3.79 9.29
CA SER A 53 -10.35 -4.79 9.02
C SER A 53 -10.19 -5.66 10.25
N VAL A 54 -10.06 -6.96 10.02
CA VAL A 54 -9.64 -7.92 11.05
C VAL A 54 -8.30 -8.49 10.65
N ILE A 55 -7.29 -8.30 11.50
CA ILE A 55 -5.89 -8.65 11.19
C ILE A 55 -5.51 -9.87 12.01
N LEU A 56 -4.97 -10.88 11.35
CA LEU A 56 -4.39 -12.05 11.99
C LEU A 56 -2.87 -11.90 11.97
N ILE A 57 -2.24 -12.10 13.12
CA ILE A 57 -0.80 -11.98 13.27
C ILE A 57 -0.30 -13.34 13.67
N PHE A 58 0.53 -13.95 12.83
CA PHE A 58 0.88 -15.36 12.93
C PHE A 58 2.18 -15.58 13.68
N SER A 59 2.21 -16.60 14.53
CA SER A 59 3.44 -17.02 15.18
C SER A 59 3.47 -18.54 15.26
N VAL A 60 4.52 -19.14 14.72
CA VAL A 60 4.72 -20.59 14.80
C VAL A 60 5.34 -20.92 16.15
N ARG A 61 4.73 -21.85 16.88
CA ARG A 61 5.20 -22.18 18.21
C ARG A 61 6.67 -22.61 18.17
N GLU A 62 7.44 -22.12 19.14
CA GLU A 62 8.86 -22.42 19.33
C GLU A 62 9.76 -21.72 18.33
N SER A 63 9.21 -20.97 17.38
CA SER A 63 10.04 -20.26 16.41
C SER A 63 10.69 -19.01 16.98
N GLY A 64 10.15 -18.45 18.06
CA GLY A 64 10.66 -17.19 18.58
C GLY A 64 10.39 -15.99 17.71
N LYS A 65 9.44 -16.09 16.77
CA LYS A 65 9.20 -15.02 15.82
C LYS A 65 7.73 -15.00 15.46
N PHE A 66 7.29 -13.86 14.92
CA PHE A 66 6.06 -13.81 14.13
C PHE A 66 6.41 -14.01 12.66
N GLN A 67 5.52 -14.65 11.89
CA GLN A 67 5.82 -14.94 10.48
C GLN A 67 5.11 -14.02 9.49
N GLY A 68 4.31 -13.08 9.95
CA GLY A 68 3.65 -12.11 9.11
C GLY A 68 2.24 -11.80 9.60
N PHE A 69 1.49 -11.00 8.86
CA PHE A 69 0.10 -10.73 9.19
C PHE A 69 -0.74 -10.54 7.95
N ALA A 70 -2.04 -10.79 8.10
CA ALA A 70 -2.97 -10.82 6.99
C ALA A 70 -4.31 -10.27 7.45
N ARG A 71 -5.13 -9.87 6.50
CA ARG A 71 -6.48 -9.34 6.75
C ARG A 71 -7.52 -10.36 6.31
N LEU A 72 -8.48 -10.67 7.18
CA LEU A 72 -9.61 -11.49 6.75
C LEU A 72 -10.35 -10.81 5.60
N SER A 73 -10.61 -11.56 4.53
CA SER A 73 -11.48 -11.09 3.46
C SER A 73 -12.85 -11.76 3.45
N SER A 74 -13.10 -12.73 4.33
CA SER A 74 -14.39 -13.39 4.40
C SER A 74 -14.58 -14.03 5.78
N GLU A 75 -15.83 -14.34 6.09
CA GLU A 75 -16.17 -15.24 7.19
C GLU A 75 -15.77 -16.67 6.80
N SER A 76 -15.80 -17.58 7.77
CA SER A 76 -15.44 -18.97 7.49
C SER A 76 -16.49 -19.63 6.59
N HIS A 77 -16.02 -20.48 5.68
CA HIS A 77 -16.91 -21.19 4.77
C HIS A 77 -16.46 -22.64 4.63
N HIS A 78 -17.44 -23.54 4.55
CA HIS A 78 -17.18 -24.97 4.45
C HIS A 78 -17.48 -25.47 3.04
N GLY A 79 -16.70 -26.46 2.60
CA GLY A 79 -16.91 -27.09 1.31
C GLY A 79 -16.47 -26.22 0.14
N GLY A 80 -17.09 -26.49 -1.00
CA GLY A 80 -16.88 -25.69 -2.21
C GLY A 80 -17.16 -26.51 -3.45
N ILE A 83 -8.25 -28.82 2.84
CA ILE A 83 -6.89 -28.32 2.84
C ILE A 83 -5.96 -29.30 3.55
N HIS A 84 -4.81 -29.54 2.95
CA HIS A 84 -3.86 -30.53 3.46
C HIS A 84 -3.06 -29.99 4.64
N TRP A 85 -3.73 -29.48 5.67
CA TRP A 85 -3.06 -29.10 6.90
C TRP A 85 -2.31 -30.29 7.47
N VAL A 86 -1.16 -30.01 8.08
CA VAL A 86 -0.48 -31.00 8.90
C VAL A 86 -1.10 -30.97 10.29
N LEU A 87 -1.63 -32.10 10.74
CA LEU A 87 -2.46 -32.10 11.94
C LEU A 87 -1.61 -32.40 13.17
N PRO A 88 -1.65 -31.56 14.20
CA PRO A 88 -0.94 -31.85 15.45
C PRO A 88 -1.45 -33.09 16.17
N ALA A 89 -0.79 -33.46 17.26
CA ALA A 89 -1.29 -34.54 18.11
C ALA A 89 -2.70 -34.21 18.57
N GLY A 90 -3.58 -35.20 18.53
CA GLY A 90 -4.99 -34.93 18.68
C GLY A 90 -5.50 -34.28 17.42
N MET A 91 -5.69 -32.96 17.46
CA MET A 91 -6.15 -32.17 16.32
C MET A 91 -7.39 -32.85 15.73
N SER A 92 -7.48 -33.02 14.40
CA SER A 92 -8.51 -33.69 13.60
C SER A 92 -8.93 -32.74 12.48
N ALA A 93 -9.23 -33.31 11.31
CA ALA A 93 -9.57 -32.47 10.16
C ALA A 93 -10.91 -31.76 10.35
N LYS A 94 -11.84 -32.40 11.07
CA LYS A 94 -13.14 -31.77 11.29
C LYS A 94 -13.03 -30.53 12.16
N MET A 95 -12.09 -30.51 13.10
CA MET A 95 -11.90 -29.33 13.94
C MET A 95 -11.42 -28.13 13.13
N LEU A 96 -10.62 -28.36 12.09
CA LEU A 96 -10.12 -27.31 11.21
C LEU A 96 -11.00 -27.11 9.99
N GLY A 97 -12.28 -27.47 10.08
CA GLY A 97 -13.12 -27.54 8.89
C GLY A 97 -13.51 -26.20 8.32
N GLY A 98 -13.66 -25.17 9.16
CA GLY A 98 -14.00 -23.85 8.67
C GLY A 98 -12.77 -23.16 8.06
N VAL A 99 -12.96 -22.58 6.87
CA VAL A 99 -11.86 -22.00 6.10
C VAL A 99 -12.15 -20.51 5.88
N PHE A 100 -11.23 -19.66 6.32
CA PHE A 100 -11.29 -18.22 6.07
C PHE A 100 -10.37 -17.87 4.91
N LYS A 101 -10.83 -16.97 4.04
CA LYS A 101 -9.93 -16.37 3.06
C LYS A 101 -9.25 -15.15 3.66
N ILE A 102 -7.97 -15.00 3.38
CA ILE A 102 -7.15 -13.92 3.91
C ILE A 102 -6.32 -13.29 2.81
N ASP A 103 -6.00 -12.01 2.97
CA ASP A 103 -5.08 -11.29 2.10
C ASP A 103 -3.87 -10.90 2.93
N TRP A 104 -2.71 -11.37 2.53
CA TRP A 104 -1.49 -11.07 3.26
C TRP A 104 -1.16 -9.60 3.12
N ILE A 105 -0.77 -9.00 4.24
CA ILE A 105 -0.26 -7.65 4.24
C ILE A 105 1.25 -7.63 4.39
N CYS A 106 1.83 -8.61 5.10
CA CYS A 106 3.27 -8.75 5.28
C CYS A 106 3.60 -10.22 5.44
N ARG A 107 4.48 -10.76 4.59
CA ARG A 107 4.91 -12.15 4.71
C ARG A 107 6.28 -12.29 5.32
N ARG A 108 6.84 -11.20 5.84
CA ARG A 108 8.16 -11.16 6.45
C ARG A 108 8.05 -11.48 7.94
N GLU A 109 9.15 -11.97 8.50
CA GLU A 109 9.25 -12.33 9.90
C GLU A 109 9.58 -11.13 10.77
N LEU A 110 9.21 -11.24 12.04
CA LEU A 110 9.66 -10.32 13.09
C LEU A 110 10.04 -11.10 14.34
N PRO A 111 11.29 -11.07 14.78
CA PRO A 111 11.65 -11.79 16.01
C PRO A 111 11.01 -11.16 17.25
N PHE A 112 10.70 -12.04 18.23
CA PHE A 112 10.08 -11.59 19.47
C PHE A 112 10.93 -10.56 20.20
N THR A 113 12.25 -10.60 20.01
CA THR A 113 13.12 -9.61 20.66
C THR A 113 12.76 -8.19 20.26
N LYS A 114 12.23 -7.97 19.05
CA LYS A 114 11.90 -6.63 18.61
C LYS A 114 10.57 -6.11 19.15
N SER A 115 9.74 -6.96 19.74
CA SER A 115 8.43 -6.54 20.24
C SER A 115 8.39 -6.52 21.76
N ALA A 116 9.54 -6.61 22.43
CA ALA A 116 9.58 -6.74 23.89
C ALA A 116 9.04 -5.50 24.58
N HIS A 117 8.98 -4.36 23.92
CA HIS A 117 8.44 -3.13 24.49
C HIS A 117 6.93 -2.99 24.33
N LEU A 118 6.24 -3.96 23.73
CA LEU A 118 4.80 -3.87 23.52
C LEU A 118 4.09 -4.88 24.42
N THR A 119 3.15 -4.40 25.23
CA THR A 119 2.32 -5.24 26.09
C THR A 119 0.86 -5.13 25.65
N ASN A 120 0.10 -6.19 25.90
CA ASN A 120 -1.28 -6.28 25.44
C ASN A 120 -2.20 -6.11 26.63
N PRO A 121 -2.97 -5.02 26.72
CA PRO A 121 -3.92 -4.88 27.85
C PRO A 121 -4.93 -6.00 27.96
N TRP A 122 -5.28 -6.66 26.86
CA TRP A 122 -6.27 -7.73 26.92
C TRP A 122 -5.69 -9.06 27.39
N ASN A 123 -4.38 -9.13 27.62
CA ASN A 123 -3.74 -10.29 28.25
C ASN A 123 -2.86 -9.83 29.42
N GLU A 124 -3.49 -9.11 30.35
CA GLU A 124 -2.86 -8.74 31.62
C GLU A 124 -1.55 -7.94 31.43
N HIS A 125 -1.45 -7.21 30.32
CA HIS A 125 -0.27 -6.42 30.00
C HIS A 125 1.00 -7.25 29.91
N LYS A 126 0.86 -8.52 29.55
CA LYS A 126 2.01 -9.33 29.24
C LYS A 126 2.55 -8.92 27.87
N PRO A 127 3.84 -9.18 27.62
CA PRO A 127 4.39 -8.91 26.28
C PRO A 127 3.54 -9.55 25.19
N VAL A 128 3.41 -8.85 24.06
CA VAL A 128 2.43 -9.24 23.06
C VAL A 128 2.74 -10.62 22.46
N LYS A 129 4.01 -11.06 22.51
CA LYS A 129 4.35 -12.40 22.05
C LYS A 129 3.65 -13.48 22.88
N ILE A 130 3.22 -13.16 24.10
CA ILE A 130 2.57 -14.13 24.97
C ILE A 130 1.07 -14.12 24.74
N GLY A 131 0.51 -15.28 24.51
CA GLY A 131 -0.91 -15.38 24.33
C GLY A 131 -1.25 -16.69 23.67
N ARG A 132 -2.44 -17.21 23.93
CA ARG A 132 -2.87 -18.43 23.30
C ARG A 132 -3.44 -18.13 21.92
N ASP A 133 -3.54 -19.17 21.11
CA ASP A 133 -4.18 -19.06 19.80
C ASP A 133 -5.53 -18.37 19.96
N GLY A 134 -5.74 -17.31 19.16
CA GLY A 134 -6.97 -16.55 19.16
C GLY A 134 -7.02 -15.36 20.10
N GLN A 135 -5.95 -15.12 20.87
CA GLN A 135 -5.97 -14.00 21.81
C GLN A 135 -6.14 -12.68 21.06
N GLU A 136 -7.12 -11.88 21.45
CA GLU A 136 -7.25 -10.55 20.86
C GLU A 136 -6.17 -9.60 21.38
N ILE A 137 -5.64 -8.76 20.50
CA ILE A 137 -4.65 -7.74 20.82
C ILE A 137 -5.32 -6.38 20.69
N GLU A 138 -5.23 -5.56 21.75
CA GLU A 138 -5.83 -4.24 21.74
C GLU A 138 -5.27 -3.37 20.61
N LEU A 139 -6.11 -2.45 20.12
CA LEU A 139 -5.85 -1.63 18.93
C LEU A 139 -4.45 -1.02 18.91
N GLU A 140 -4.09 -0.27 19.95
CA GLU A 140 -2.84 0.47 19.92
C GLU A 140 -1.65 -0.49 19.88
N CYS A 141 -1.69 -1.55 20.69
CA CYS A 141 -0.60 -2.50 20.70
C CYS A 141 -0.53 -3.25 19.36
N GLY A 142 -1.69 -3.65 18.83
CA GLY A 142 -1.73 -4.32 17.53
C GLY A 142 -1.15 -3.46 16.42
N THR A 143 -1.54 -2.19 16.38
CA THR A 143 -1.03 -1.27 15.35
C THR A 143 0.49 -1.13 15.43
N GLN A 144 1.02 -0.85 16.62
CA GLN A 144 2.46 -0.72 16.76
C GLN A 144 3.19 -2.01 16.42
N LEU A 145 2.59 -3.16 16.76
CA LEU A 145 3.24 -4.44 16.43
C LEU A 145 3.35 -4.60 14.92
N CYS A 146 2.26 -4.34 14.20
CA CYS A 146 2.29 -4.48 12.75
C CYS A 146 3.26 -3.49 12.10
N LEU A 147 3.37 -2.29 12.66
CA LEU A 147 4.29 -1.31 12.10
C LEU A 147 5.75 -1.67 12.33
N LEU A 148 6.05 -2.61 13.22
CA LEU A 148 7.42 -3.04 13.47
C LEU A 148 7.95 -4.01 12.41
N PHE A 149 7.05 -4.71 11.71
CA PHE A 149 7.49 -5.68 10.73
C PHE A 149 8.26 -4.96 9.62
N PRO A 150 9.26 -5.62 9.03
CA PRO A 150 9.91 -5.05 7.86
C PRO A 150 8.89 -4.83 6.76
N PRO A 151 9.03 -3.76 5.98
CA PRO A 151 8.14 -3.58 4.83
C PRO A 151 8.21 -4.76 3.87
N ASP A 152 7.05 -5.16 3.37
CA ASP A 152 6.95 -6.20 2.33
C ASP A 152 6.63 -5.50 1.01
N GLU A 153 7.67 -5.20 0.25
CA GLU A 153 7.55 -4.43 -0.98
C GLU A 153 6.91 -5.21 -2.11
N SER A 154 6.67 -6.51 -1.94
CA SER A 154 5.99 -7.33 -2.93
C SER A 154 4.47 -7.18 -2.90
N ILE A 155 3.92 -6.50 -1.90
CA ILE A 155 2.48 -6.41 -1.73
C ILE A 155 2.01 -5.01 -2.08
N ASP A 156 0.89 -4.93 -2.80
CA ASP A 156 0.25 -3.67 -3.15
C ASP A 156 -1.08 -3.63 -2.40
N LEU A 157 -1.22 -2.69 -1.47
CA LEU A 157 -2.41 -2.62 -0.63
C LEU A 157 -3.59 -1.94 -1.31
N TYR A 158 -3.44 -1.53 -2.57
CA TYR A 158 -4.53 -0.87 -3.28
C TYR A 158 -5.80 -1.74 -3.32
N GLN A 159 -5.66 -3.01 -3.67
CA GLN A 159 -6.81 -3.90 -3.77
C GLN A 159 -7.41 -4.20 -2.40
N VAL A 160 -6.56 -4.36 -1.38
CA VAL A 160 -7.01 -4.55 0.00
C VAL A 160 -7.90 -3.39 0.43
N ILE A 161 -7.46 -2.17 0.16
CA ILE A 161 -8.25 -0.99 0.45
C ILE A 161 -9.60 -1.04 -0.28
N HIS A 162 -9.60 -1.59 -1.51
CA HIS A 162 -10.87 -1.75 -2.23
C HIS A 162 -11.78 -2.80 -1.60
N LYS A 163 -11.21 -3.86 -1.01
CA LYS A 163 -12.05 -4.86 -0.33
C LYS A 163 -12.84 -4.24 0.81
N MET A 164 -12.23 -3.29 1.51
CA MET A 164 -12.94 -2.47 2.47
C MET A 164 -14.05 -1.65 1.82
N GLY B 1 -15.53 21.83 -20.26
CA GLY B 1 -14.46 21.46 -21.17
C GLY B 1 -13.57 20.38 -20.60
N THR B 2 -14.11 19.63 -19.64
CA THR B 2 -13.35 18.65 -18.88
C THR B 2 -13.60 17.22 -19.34
N SER B 3 -14.41 17.00 -20.38
CA SER B 3 -14.78 15.63 -20.76
C SER B 3 -13.55 14.79 -21.07
N LYS B 4 -12.62 15.34 -21.86
CA LYS B 4 -11.45 14.57 -22.22
C LYS B 4 -10.61 14.23 -20.98
N LEU B 5 -10.36 15.24 -20.14
CA LEU B 5 -9.51 15.01 -18.98
C LEU B 5 -10.18 14.04 -18.01
N LYS B 6 -11.49 14.18 -17.81
CA LYS B 6 -12.19 13.27 -16.92
C LYS B 6 -12.14 11.84 -17.45
N TYR B 7 -12.11 11.67 -18.78
CA TYR B 7 -11.95 10.36 -19.38
C TYR B 7 -10.58 9.76 -19.07
N VAL B 8 -9.53 10.57 -19.19
CA VAL B 8 -8.17 10.10 -18.89
C VAL B 8 -8.04 9.69 -17.42
N LEU B 9 -8.76 10.36 -16.53
CA LEU B 9 -8.62 10.15 -15.09
C LEU B 9 -9.57 9.12 -14.51
N GLN B 10 -10.51 8.59 -15.30
CA GLN B 10 -11.40 7.57 -14.77
C GLN B 10 -10.58 6.34 -14.39
N ASP B 11 -10.77 5.87 -13.17
CA ASP B 11 -10.09 4.68 -12.65
C ASP B 11 -8.57 4.85 -12.53
N ALA B 12 -8.09 6.09 -12.47
CA ALA B 12 -6.65 6.30 -12.37
C ALA B 12 -6.15 6.09 -10.94
N ARG B 13 -4.86 5.78 -10.83
CA ARG B 13 -4.12 5.90 -9.57
C ARG B 13 -3.21 7.12 -9.64
N PHE B 14 -3.02 7.76 -8.48
CA PHE B 14 -2.34 9.03 -8.37
C PHE B 14 -1.20 8.95 -7.37
N PHE B 15 -0.05 9.51 -7.71
CA PHE B 15 1.10 9.54 -6.81
C PHE B 15 1.71 10.94 -6.78
N LEU B 16 1.99 11.42 -5.57
CA LEU B 16 2.74 12.65 -5.39
C LEU B 16 4.22 12.39 -5.66
N ILE B 17 4.84 13.24 -6.48
CA ILE B 17 6.28 13.19 -6.75
C ILE B 17 6.87 14.45 -6.14
N LYS B 18 7.85 14.26 -5.26
CA LYS B 18 8.57 15.38 -4.65
C LYS B 18 9.98 15.36 -5.17
N SER B 19 10.35 16.39 -5.94
CA SER B 19 11.69 16.53 -6.48
C SER B 19 12.49 17.49 -5.61
N ASN B 20 13.77 17.20 -5.44
CA ASN B 20 14.59 18.08 -4.64
C ASN B 20 15.01 19.34 -5.39
N ASN B 21 15.04 19.32 -6.73
CA ASN B 21 15.47 20.48 -7.48
C ASN B 21 14.50 20.78 -8.62
N HIS B 22 14.54 22.03 -9.08
CA HIS B 22 13.74 22.45 -10.22
C HIS B 22 14.32 21.90 -11.52
N GLU B 23 15.63 21.63 -11.57
CA GLU B 23 16.29 21.29 -12.81
C GLU B 23 15.77 19.98 -13.39
N ASN B 24 15.58 18.96 -12.54
CA ASN B 24 15.11 17.66 -13.01
C ASN B 24 13.66 17.73 -13.48
N VAL B 25 12.86 18.61 -12.86
CA VAL B 25 11.48 18.77 -13.35
C VAL B 25 11.49 19.46 -14.73
N SER B 26 12.35 20.49 -14.90
CA SER B 26 12.47 21.11 -16.22
CA SER B 26 12.49 21.11 -16.22
C SER B 26 12.95 20.10 -17.26
N LEU B 27 13.94 19.30 -16.93
CA LEU B 27 14.38 18.24 -17.83
C LEU B 27 13.23 17.31 -18.18
N ALA B 28 12.49 16.86 -17.15
CA ALA B 28 11.41 15.89 -17.35
C ALA B 28 10.28 16.47 -18.18
N LYS B 29 9.96 17.75 -17.99
CA LYS B 29 8.90 18.39 -18.77
C LYS B 29 9.22 18.40 -20.26
N ALA B 30 10.50 18.58 -20.61
CA ALA B 30 10.86 18.72 -22.02
C ALA B 30 11.03 17.36 -22.69
N LYS B 31 11.56 16.37 -21.96
CA LYS B 31 11.93 15.09 -22.52
C LYS B 31 10.90 13.99 -22.31
N GLY B 32 9.97 14.14 -21.36
CA GLY B 32 8.96 13.12 -21.17
C GLY B 32 9.43 11.87 -20.45
N VAL B 33 10.24 12.05 -19.41
CA VAL B 33 10.81 10.94 -18.65
C VAL B 33 10.80 11.30 -17.16
N TRP B 34 10.79 10.26 -16.34
CA TRP B 34 10.99 10.41 -14.90
C TRP B 34 11.67 9.17 -14.35
N SER B 35 12.46 9.39 -13.30
CA SER B 35 13.07 8.32 -12.51
C SER B 35 12.89 8.64 -11.03
N THR B 36 12.75 7.59 -10.21
CA THR B 36 12.57 7.76 -8.76
C THR B 36 13.37 6.70 -8.02
N LEU B 37 13.31 6.76 -6.68
CA LEU B 37 14.01 5.80 -5.83
C LEU B 37 13.43 4.39 -5.98
N PRO B 38 14.21 3.35 -5.63
CA PRO B 38 13.76 1.97 -5.89
C PRO B 38 12.46 1.59 -5.23
N VAL B 39 12.19 2.11 -4.03
CA VAL B 39 10.94 1.75 -3.36
C VAL B 39 9.75 2.29 -4.15
N ASN B 40 9.83 3.56 -4.57
CA ASN B 40 8.73 4.12 -5.36
C ASN B 40 8.72 3.56 -6.76
N GLU B 41 9.90 3.22 -7.31
CA GLU B 41 9.95 2.61 -8.64
C GLU B 41 9.12 1.33 -8.69
N LYS B 42 9.25 0.49 -7.67
CA LYS B 42 8.45 -0.74 -7.62
C LYS B 42 6.97 -0.45 -7.44
N LYS B 43 6.64 0.50 -6.56
CA LYS B 43 5.24 0.93 -6.38
C LYS B 43 4.62 1.37 -7.70
N LEU B 44 5.36 2.16 -8.49
CA LEU B 44 4.81 2.67 -9.74
C LEU B 44 4.71 1.58 -10.81
N ASN B 45 5.65 0.63 -10.81
CA ASN B 45 5.56 -0.47 -11.77
C ASN B 45 4.36 -1.36 -11.47
N LEU B 46 4.12 -1.66 -10.20
CA LEU B 46 2.92 -2.40 -9.81
C LEU B 46 1.67 -1.67 -10.29
N ALA B 47 1.59 -0.36 -10.02
CA ALA B 47 0.39 0.39 -10.36
C ALA B 47 0.17 0.47 -11.87
N PHE B 48 1.27 0.61 -12.63
CA PHE B 48 1.14 0.69 -14.09
C PHE B 48 0.45 -0.53 -14.67
N ARG B 49 0.63 -1.70 -14.07
CA ARG B 49 -0.04 -2.90 -14.55
C ARG B 49 -1.47 -3.03 -14.04
N SER B 50 -1.81 -2.39 -12.93
CA SER B 50 -3.14 -2.57 -12.35
C SER B 50 -4.14 -1.51 -12.78
N ALA B 51 -3.67 -0.33 -13.17
CA ALA B 51 -4.53 0.83 -13.36
C ALA B 51 -4.59 1.19 -14.84
N ARG B 52 -5.72 1.75 -15.25
CA ARG B 52 -5.84 2.21 -16.62
C ARG B 52 -4.97 3.44 -16.87
N SER B 53 -4.78 4.29 -15.86
CA SER B 53 -3.85 5.40 -15.92
C SER B 53 -3.14 5.52 -14.57
N VAL B 54 -1.85 5.82 -14.61
CA VAL B 54 -1.06 6.17 -13.43
C VAL B 54 -0.61 7.61 -13.59
N ILE B 55 -1.03 8.47 -12.68
CA ILE B 55 -0.81 9.90 -12.76
C ILE B 55 0.22 10.29 -11.72
N LEU B 56 1.26 11.01 -12.13
CA LEU B 56 2.25 11.58 -11.23
C LEU B 56 1.98 13.07 -11.12
N ILE B 57 1.90 13.58 -9.89
CA ILE B 57 1.64 14.98 -9.64
C ILE B 57 2.87 15.55 -8.96
N PHE B 58 3.50 16.54 -9.58
CA PHE B 58 4.85 16.94 -9.22
C PHE B 58 4.82 18.19 -8.36
N SER B 59 5.66 18.17 -7.31
CA SER B 59 5.91 19.36 -6.50
C SER B 59 7.39 19.41 -6.11
N VAL B 60 8.06 20.49 -6.46
CA VAL B 60 9.45 20.70 -6.06
C VAL B 60 9.51 21.12 -4.60
N ARG B 61 10.40 20.47 -3.85
CA ARG B 61 10.58 20.76 -2.43
C ARG B 61 10.78 22.26 -2.21
N GLU B 62 10.02 22.81 -1.28
CA GLU B 62 10.08 24.21 -0.83
C GLU B 62 9.53 25.22 -1.83
N SER B 63 8.94 24.78 -2.96
CA SER B 63 8.44 25.74 -3.92
C SER B 63 7.06 26.30 -3.56
N GLY B 64 6.30 25.65 -2.67
CA GLY B 64 4.95 26.09 -2.40
C GLY B 64 3.94 25.83 -3.51
N LYS B 65 4.29 25.04 -4.50
CA LYS B 65 3.42 24.83 -5.65
C LYS B 65 3.56 23.41 -6.15
N PHE B 66 2.57 22.98 -6.92
CA PHE B 66 2.73 21.86 -7.83
C PHE B 66 3.14 22.42 -9.19
N GLN B 67 3.99 21.69 -9.88
CA GLN B 67 4.51 22.12 -11.18
C GLN B 67 3.85 21.46 -12.38
N GLY B 68 2.94 20.52 -12.16
CA GLY B 68 2.23 19.88 -13.24
C GLY B 68 1.93 18.43 -12.92
N PHE B 69 1.33 17.75 -13.89
CA PHE B 69 1.07 16.33 -13.72
C PHE B 69 1.17 15.61 -15.06
N ALA B 70 1.44 14.32 -14.99
CA ALA B 70 1.74 13.53 -16.17
C ALA B 70 1.22 12.12 -15.98
N ARG B 71 1.04 11.40 -17.08
CA ARG B 71 0.61 10.01 -17.07
C ARG B 71 1.76 9.11 -17.49
N LEU B 72 2.01 8.05 -16.73
CA LEU B 72 2.96 7.01 -17.15
C LEU B 72 2.51 6.38 -18.46
N SER B 73 3.44 6.27 -19.41
CA SER B 73 3.18 5.54 -20.64
C SER B 73 3.98 4.24 -20.71
N SER B 74 4.85 4.00 -19.75
CA SER B 74 5.61 2.75 -19.70
C SER B 74 5.98 2.45 -18.26
N GLU B 75 6.26 1.17 -18.00
CA GLU B 75 6.97 0.81 -16.79
C GLU B 75 8.42 1.27 -16.89
N SER B 76 9.13 1.20 -15.77
CA SER B 76 10.52 1.62 -15.76
C SER B 76 11.34 0.64 -16.58
N HIS B 77 12.35 1.16 -17.28
CA HIS B 77 13.20 0.33 -18.11
C HIS B 77 14.64 0.75 -17.90
N HIS B 78 15.54 -0.23 -18.02
CA HIS B 78 16.97 -0.01 -17.87
C HIS B 78 17.65 -0.20 -19.21
N GLY B 79 18.79 0.45 -19.38
CA GLY B 79 19.60 0.27 -20.57
C GLY B 79 19.62 1.41 -21.59
N GLY B 80 18.71 2.37 -21.49
CA GLY B 80 18.80 3.54 -22.32
C GLY B 80 20.01 4.39 -21.96
N SER B 81 20.16 5.46 -22.76
CA SER B 81 21.27 6.41 -22.62
C SER B 81 21.13 7.18 -21.31
N PRO B 82 22.23 7.44 -20.55
CA PRO B 82 22.10 8.22 -19.21
C PRO B 82 21.16 9.39 -19.41
N ILE B 83 20.04 9.43 -18.69
CA ILE B 83 19.42 10.73 -18.48
C ILE B 83 20.34 11.55 -17.58
N HIS B 84 20.67 12.76 -18.01
CA HIS B 84 21.62 13.59 -17.27
C HIS B 84 20.96 14.27 -16.07
N TRP B 85 20.33 13.46 -15.21
CA TRP B 85 19.72 14.03 -14.02
C TRP B 85 20.75 14.80 -13.22
N VAL B 86 20.33 15.92 -12.65
CA VAL B 86 21.09 16.61 -11.62
C VAL B 86 20.88 15.86 -10.32
N LEU B 87 21.94 15.24 -9.79
CA LEU B 87 21.79 14.36 -8.64
C LEU B 87 21.94 15.13 -7.34
N PRO B 88 20.93 15.12 -6.46
CA PRO B 88 20.99 15.73 -5.13
C PRO B 88 21.94 14.96 -4.22
N MET B 91 21.93 11.19 -3.61
CA MET B 91 21.55 10.32 -4.71
C MET B 91 22.76 9.86 -5.53
N SER B 92 22.48 9.00 -6.52
CA SER B 92 23.49 8.52 -7.44
C SER B 92 22.77 7.99 -8.68
N ALA B 93 23.51 7.93 -9.79
CA ALA B 93 22.92 7.54 -11.06
C ALA B 93 22.21 6.20 -10.94
N LYS B 94 22.88 5.21 -10.34
CA LYS B 94 22.28 3.88 -10.21
C LYS B 94 21.03 3.90 -9.34
N MET B 95 20.94 4.85 -8.39
CA MET B 95 19.76 4.95 -7.55
C MET B 95 18.53 5.46 -8.31
N LEU B 96 18.72 5.97 -9.53
CA LEU B 96 17.65 6.45 -10.39
C LEU B 96 17.70 5.74 -11.74
N GLY B 97 18.10 4.47 -11.73
CA GLY B 97 18.42 3.82 -12.99
C GLY B 97 17.22 3.57 -13.88
N GLY B 98 16.08 3.23 -13.28
CA GLY B 98 14.90 2.93 -14.07
C GLY B 98 14.29 4.20 -14.63
N VAL B 99 13.99 4.20 -15.92
CA VAL B 99 13.44 5.37 -16.60
C VAL B 99 12.02 5.07 -17.03
N PHE B 100 11.06 5.83 -16.49
CA PHE B 100 9.68 5.79 -16.95
C PHE B 100 9.49 6.81 -18.07
N LYS B 101 8.79 6.41 -19.13
CA LYS B 101 8.28 7.39 -20.08
C LYS B 101 6.97 7.96 -19.55
N ILE B 102 6.80 9.28 -19.69
CA ILE B 102 5.61 9.97 -19.20
C ILE B 102 5.11 10.93 -20.27
N ASP B 103 3.79 11.11 -20.31
CA ASP B 103 3.15 12.10 -21.15
C ASP B 103 2.57 13.18 -20.24
N TRP B 104 3.04 14.40 -20.39
CA TRP B 104 2.55 15.49 -19.58
C TRP B 104 1.11 15.82 -19.96
N ILE B 105 0.30 16.07 -18.94
CA ILE B 105 -1.07 16.53 -19.15
CA ILE B 105 -1.08 16.53 -19.11
C ILE B 105 -1.18 18.01 -18.85
N CYS B 106 -0.40 18.51 -17.90
CA CYS B 106 -0.35 19.93 -17.63
C CYS B 106 1.04 20.24 -17.11
N ARG B 107 1.66 21.29 -17.64
CA ARG B 107 2.99 21.71 -17.21
C ARG B 107 2.93 23.07 -16.54
N ARG B 108 1.74 23.53 -16.20
CA ARG B 108 1.54 24.81 -15.54
C ARG B 108 1.45 24.63 -14.02
N GLU B 109 1.81 25.69 -13.33
CA GLU B 109 1.86 25.65 -11.88
C GLU B 109 0.48 25.74 -11.24
N LEU B 110 0.37 25.11 -10.08
CA LEU B 110 -0.80 25.27 -9.20
C LEU B 110 -0.29 25.57 -7.80
N PRO B 111 -0.48 26.78 -7.30
CA PRO B 111 -0.03 27.06 -5.93
C PRO B 111 -0.84 26.27 -4.91
N PHE B 112 -0.16 25.90 -3.83
CA PHE B 112 -0.81 25.17 -2.75
C PHE B 112 -2.02 25.93 -2.19
N THR B 113 -2.03 27.25 -2.34
CA THR B 113 -3.19 28.02 -1.86
C THR B 113 -4.46 27.63 -2.59
N LYS B 114 -4.35 27.16 -3.84
CA LYS B 114 -5.53 26.79 -4.60
C LYS B 114 -6.01 25.38 -4.33
N SER B 115 -5.25 24.58 -3.58
CA SER B 115 -5.65 23.22 -3.22
C SER B 115 -5.89 23.07 -1.73
N ALA B 116 -5.98 24.18 -1.00
CA ALA B 116 -6.07 24.14 0.45
C ALA B 116 -7.30 23.40 0.96
N HIS B 117 -8.35 23.30 0.15
CA HIS B 117 -9.59 22.66 0.55
C HIS B 117 -9.60 21.15 0.31
N LEU B 118 -8.57 20.57 -0.31
CA LEU B 118 -8.56 19.16 -0.64
C LEU B 118 -7.67 18.38 0.32
N THR B 119 -8.20 17.28 0.86
CA THR B 119 -7.49 16.43 1.79
C THR B 119 -7.45 15.00 1.27
N ASN B 120 -6.36 14.30 1.59
CA ASN B 120 -6.12 12.95 1.09
C ASN B 120 -6.47 11.92 2.16
N PRO B 121 -7.54 11.13 1.99
CA PRO B 121 -7.90 10.14 3.01
C PRO B 121 -6.82 9.09 3.26
N TRP B 122 -5.95 8.81 2.29
CA TRP B 122 -4.89 7.83 2.43
C TRP B 122 -3.62 8.43 3.02
N ASN B 123 -3.67 9.69 3.45
CA ASN B 123 -2.63 10.28 4.27
C ASN B 123 -3.27 10.96 5.49
N GLU B 124 -4.05 10.18 6.23
CA GLU B 124 -4.69 10.63 7.48
C GLU B 124 -5.48 11.91 7.32
N HIS B 125 -6.03 12.14 6.11
CA HIS B 125 -6.96 13.23 5.85
C HIS B 125 -6.28 14.60 5.90
N LYS B 126 -4.96 14.62 5.72
CA LYS B 126 -4.18 15.84 5.69
C LYS B 126 -4.34 16.52 4.34
N PRO B 127 -4.17 17.84 4.26
CA PRO B 127 -4.25 18.53 2.95
C PRO B 127 -3.30 17.91 1.95
N VAL B 128 -3.73 17.88 0.69
CA VAL B 128 -3.05 17.07 -0.33
C VAL B 128 -1.63 17.55 -0.61
N LYS B 129 -1.33 18.82 -0.35
CA LYS B 129 0.04 19.32 -0.50
C LYS B 129 1.04 18.62 0.43
N ILE B 130 0.57 18.05 1.54
CA ILE B 130 1.45 17.31 2.46
C ILE B 130 1.61 15.85 2.06
N GLY B 131 2.86 15.42 1.95
CA GLY B 131 3.17 14.05 1.66
C GLY B 131 4.62 13.88 1.27
N ARG B 132 5.14 12.67 1.42
CA ARG B 132 6.49 12.33 0.99
C ARG B 132 6.48 11.94 -0.49
N ASP B 133 7.68 11.92 -1.08
CA ASP B 133 7.81 11.46 -2.45
C ASP B 133 7.16 10.08 -2.57
N GLY B 134 6.27 9.93 -3.55
CA GLY B 134 5.57 8.68 -3.80
C GLY B 134 4.30 8.45 -3.04
N GLN B 135 3.88 9.39 -2.18
CA GLN B 135 2.63 9.22 -1.44
C GLN B 135 1.47 9.01 -2.39
N GLU B 136 0.72 7.93 -2.22
CA GLU B 136 -0.43 7.68 -3.07
C GLU B 136 -1.60 8.54 -2.65
N ILE B 137 -2.34 9.05 -3.62
CA ILE B 137 -3.47 9.94 -3.38
C ILE B 137 -4.73 9.21 -3.80
N GLU B 138 -5.72 9.18 -2.91
CA GLU B 138 -6.98 8.51 -3.18
C GLU B 138 -7.65 9.08 -4.44
N LEU B 139 -8.41 8.21 -5.13
CA LEU B 139 -8.95 8.50 -6.45
C LEU B 139 -9.68 9.85 -6.51
N GLU B 140 -10.66 10.07 -5.62
CA GLU B 140 -11.44 11.29 -5.75
C GLU B 140 -10.61 12.53 -5.45
N CYS B 141 -9.73 12.45 -4.43
CA CYS B 141 -8.90 13.61 -4.13
C CYS B 141 -7.93 13.89 -5.28
N GLY B 142 -7.31 12.84 -5.84
CA GLY B 142 -6.40 13.04 -6.96
C GLY B 142 -7.10 13.61 -8.18
N THR B 143 -8.31 13.15 -8.44
CA THR B 143 -9.07 13.67 -9.57
C THR B 143 -9.38 15.15 -9.39
N GLN B 144 -9.87 15.53 -8.21
CA GLN B 144 -10.19 16.94 -7.99
C GLN B 144 -8.94 17.81 -8.04
N LEU B 145 -7.81 17.31 -7.53
CA LEU B 145 -6.54 18.05 -7.60
C LEU B 145 -6.15 18.31 -9.05
N CYS B 146 -6.17 17.27 -9.89
CA CYS B 146 -5.83 17.47 -11.30
C CYS B 146 -6.76 18.46 -11.98
N LEU B 147 -8.06 18.44 -11.62
CA LEU B 147 -9.02 19.34 -12.25
C LEU B 147 -8.79 20.81 -11.85
N LEU B 148 -8.03 21.06 -10.78
CA LEU B 148 -7.73 22.43 -10.37
C LEU B 148 -6.73 23.11 -11.30
N PHE B 149 -5.87 22.35 -11.98
CA PHE B 149 -4.81 22.96 -12.78
C PHE B 149 -5.42 23.73 -13.95
N PRO B 150 -4.79 24.82 -14.37
CA PRO B 150 -5.30 25.57 -15.52
C PRO B 150 -5.05 24.83 -16.81
N PRO B 151 -5.78 25.15 -17.87
CA PRO B 151 -5.53 24.48 -19.15
C PRO B 151 -4.16 24.82 -19.69
N ASP B 152 -3.51 23.81 -20.27
CA ASP B 152 -2.19 23.96 -20.86
C ASP B 152 -2.31 23.91 -22.38
N GLU B 153 -2.09 25.06 -23.02
CA GLU B 153 -2.21 25.19 -24.46
C GLU B 153 -1.05 24.56 -25.22
N SER B 154 0.00 24.14 -24.52
CA SER B 154 1.12 23.44 -25.14
C SER B 154 0.86 21.95 -25.25
N ILE B 155 -0.21 21.45 -24.64
CA ILE B 155 -0.49 20.02 -24.50
C ILE B 155 -1.67 19.65 -25.38
N ASP B 156 -1.53 18.53 -26.08
CA ASP B 156 -2.60 17.88 -26.84
C ASP B 156 -2.91 16.53 -26.20
N LEU B 157 -4.11 16.38 -25.65
CA LEU B 157 -4.48 15.10 -25.01
C LEU B 157 -4.67 13.97 -26.00
N TYR B 158 -4.58 14.21 -27.31
CA TYR B 158 -4.94 13.20 -28.30
C TYR B 158 -4.07 11.97 -28.19
N GLN B 159 -2.75 12.16 -28.06
CA GLN B 159 -1.84 11.02 -27.99
C GLN B 159 -2.14 10.14 -26.77
N VAL B 160 -2.38 10.77 -25.61
CA VAL B 160 -2.68 10.01 -24.40
C VAL B 160 -3.92 9.16 -24.60
N ILE B 161 -4.99 9.77 -25.12
CA ILE B 161 -6.26 9.07 -25.25
C ILE B 161 -6.12 7.84 -26.14
N HIS B 162 -5.28 7.92 -27.18
CA HIS B 162 -5.05 6.76 -28.04
C HIS B 162 -4.14 5.72 -27.40
N LYS B 163 -3.45 6.06 -26.31
CA LYS B 163 -2.59 5.13 -25.60
C LYS B 163 -3.34 4.30 -24.55
N MET B 164 -4.59 4.61 -24.30
CA MET B 164 -5.34 3.92 -23.24
C MET B 164 -6.19 2.81 -23.84
C10 IUA C . -2.72 -24.39 17.74
C13 IUA C . -5.04 -26.71 20.10
C15 IUA C . -3.41 -28.26 18.70
C17 IUA C . -4.47 -23.47 16.22
C02 IUA C . -1.54 -25.97 13.56
C04 IUA C . -3.56 -24.72 12.85
C06 IUA C . -4.32 -24.72 10.43
C07 IUA C . -3.79 -24.29 14.31
C08 IUA C . -2.94 -24.69 15.29
C11 IUA C . -3.32 -25.63 18.40
C12 IUA C . -4.44 -25.47 19.43
C14 IUA C . -4.52 -28.10 19.73
C16 IUA C . -2.81 -27.01 18.03
N03 IUA C . -2.44 -25.54 12.53
N05 IUA C . -4.46 -24.29 11.82
N09 IUA C . -3.35 -24.19 16.46
N18 IUA C . -4.74 -23.52 14.90
N19 IUA C . -1.76 -25.56 14.95
CL01 IUA C . -0.15 -26.99 13.18
S SO4 D . 2.16 4.86 0.45
O1 SO4 D . 1.58 5.59 -0.67
O2 SO4 D . 1.20 3.89 0.97
O3 SO4 D . 2.55 5.79 1.51
O4 SO4 D . 3.38 4.12 0.09
S SO4 E . -9.71 -12.04 24.54
O1 SO4 E . -11.15 -11.92 24.30
O2 SO4 E . -9.48 -13.03 25.60
O3 SO4 E . -9.03 -12.50 23.32
O4 SO4 E . -9.18 -10.74 24.95
S SO4 F . -3.51 -22.47 22.32
O1 SO4 F . -4.82 -21.82 22.28
O2 SO4 F . -3.46 -23.46 21.25
O3 SO4 F . -2.42 -21.50 22.11
O4 SO4 F . -3.33 -23.14 23.61
C10 IUA G . 13.36 13.18 -3.99
C13 IUA G . 15.25 11.29 -0.97
C15 IUA G . 17.00 11.98 -2.80
C17 IUA G . 12.88 11.47 -5.77
C02 IUA G . 15.38 14.87 -7.70
C04 IUA G . 14.50 12.84 -8.79
C06 IUA G . 14.90 12.39 -11.20
C07 IUA G . 13.90 12.41 -7.44
C08 IUA G . 14.04 13.20 -6.36
C11 IUA G . 14.47 12.56 -3.16
C12 IUA G . 14.15 11.90 -1.82
C14 IUA G . 16.68 11.32 -1.46
C16 IUA G . 15.90 12.59 -3.65
N03 IUA G . 15.25 14.04 -8.87
N05 IUA G . 14.36 11.97 -9.91
N09 IUA G . 13.42 12.62 -5.33
N18 IUA G . 13.16 11.34 -7.08
N19 IUA G . 14.80 14.48 -6.43
CL01 IUA G . 16.28 16.38 -7.80
S SO4 H . 2.72 28.72 -15.73
O1 SO4 H . 1.27 28.80 -15.65
O2 SO4 H . 3.14 28.09 -16.98
O3 SO4 H . 3.19 27.91 -14.61
O4 SO4 H . 3.28 30.07 -15.64
S SO4 I . 11.28 12.05 0.52
O1 SO4 I . 9.86 12.38 0.67
O2 SO4 I . 11.45 10.69 -0.01
O3 SO4 I . 11.86 13.02 -0.41
O4 SO4 I . 11.94 12.12 1.83
S SO4 J . 13.84 -3.89 -17.45
O1 SO4 J . 12.68 -3.01 -17.31
O2 SO4 J . 13.73 -4.69 -18.66
O3 SO4 J . 15.06 -3.08 -17.52
O4 SO4 J . 13.90 -4.76 -16.29
#